data_3L9U
#
_entry.id   3L9U
#
_cell.length_a   85.582
_cell.length_b   46.593
_cell.length_c   60.222
_cell.angle_alpha   90.00
_cell.angle_beta   90.00
_cell.angle_gamma   90.00
#
_symmetry.space_group_name_H-M   'P 21 21 2'
#
loop_
_entity.id
_entity.type
_entity.pdbx_description
1 polymer 'Disulfide isomerase'
2 water water
#
_entity_poly.entity_id   1
_entity_poly.type   'polypeptide(L)'
_entity_poly.pdbx_seq_one_letter_code
;SNASAFTEGTDYMVLEKPIPNADKTLIKVFSYACPFCYKYDKAVTGPVSDKVADLVTFTPFHLETKGEYGKQASEVFAVL
IAKDKAAGISLFDAKSQFKKAKFAWYAAYHDKKERWSDGKDPAAFIKTGLDAAGMSQADFEAALKDPAVQETLEKWKAAY
DVAKIQGVPAYVVNGKYLIYTKNIKSIDSMAELVRELATKK
;
_entity_poly.pdbx_strand_id   A
#
# COMPACT_ATOMS: atom_id res chain seq x y z
N ALA A 3 8.11 -27.17 -5.93
CA ALA A 3 6.82 -27.76 -6.28
C ALA A 3 5.68 -26.77 -6.02
N SER A 4 4.79 -27.17 -5.12
CA SER A 4 3.85 -26.25 -4.49
C SER A 4 3.85 -26.55 -2.98
N ALA A 5 4.15 -25.52 -2.20
CA ALA A 5 4.46 -25.71 -0.79
C ALA A 5 3.41 -25.14 0.14
N PHE A 6 2.49 -24.34 -0.39
CA PHE A 6 1.58 -23.60 0.48
C PHE A 6 0.13 -24.03 0.34
N THR A 7 -0.65 -23.70 1.37
CA THR A 7 -1.95 -24.35 1.58
C THR A 7 -3.13 -23.38 1.53
N GLU A 8 -4.02 -23.62 0.59
CA GLU A 8 -5.26 -22.88 0.50
C GLU A 8 -6.05 -22.96 1.81
N GLY A 9 -6.48 -21.81 2.31
CA GLY A 9 -7.27 -21.76 3.54
C GLY A 9 -6.42 -21.52 4.77
N THR A 10 -5.11 -21.68 4.62
CA THR A 10 -4.18 -21.41 5.71
C THR A 10 -3.21 -20.31 5.34
N ASP A 11 -2.48 -20.53 4.25
CA ASP A 11 -1.50 -19.53 3.81
C ASP A 11 -2.10 -18.42 2.98
N TYR A 12 -3.15 -18.76 2.22
CA TYR A 12 -3.77 -17.80 1.33
C TYR A 12 -5.19 -18.25 1.02
N MET A 13 -5.94 -17.38 0.36
N MET A 13 -5.97 -17.34 0.42
CA MET A 13 -7.26 -17.74 -0.11
CA MET A 13 -7.33 -17.65 -0.04
C MET A 13 -7.50 -17.04 -1.44
C MET A 13 -7.63 -16.93 -1.35
N VAL A 14 -8.46 -17.55 -2.20
CA VAL A 14 -8.86 -16.92 -3.45
C VAL A 14 -9.96 -15.90 -3.17
N LEU A 15 -9.78 -14.69 -3.68
CA LEU A 15 -10.79 -13.63 -3.49
C LEU A 15 -12.05 -13.92 -4.30
N GLU A 16 -13.21 -13.77 -3.67
CA GLU A 16 -14.48 -13.86 -4.37
C GLU A 16 -14.58 -12.81 -5.49
N LYS A 17 -14.05 -11.63 -5.21
CA LYS A 17 -14.04 -10.54 -6.16
C LYS A 17 -12.61 -10.08 -6.37
N PRO A 18 -11.96 -10.61 -7.40
CA PRO A 18 -10.57 -10.22 -7.65
C PRO A 18 -10.42 -8.74 -7.92
N ILE A 19 -9.24 -8.22 -7.63
CA ILE A 19 -8.88 -6.87 -8.04
C ILE A 19 -8.56 -6.94 -9.52
N PRO A 20 -9.30 -6.18 -10.35
CA PRO A 20 -9.09 -6.29 -11.80
C PRO A 20 -7.80 -5.63 -12.27
N ASN A 21 -7.32 -6.03 -13.45
CA ASN A 21 -6.18 -5.37 -14.07
C ASN A 21 -4.98 -5.34 -13.14
N ALA A 22 -4.71 -6.47 -12.49
CA ALA A 22 -3.66 -6.53 -11.49
C ALA A 22 -2.76 -7.75 -11.69
N ASP A 23 -2.67 -8.26 -12.91
CA ASP A 23 -1.82 -9.42 -13.11
C ASP A 23 -0.35 -9.05 -12.87
N LYS A 24 0.40 -10.02 -12.36
CA LYS A 24 1.82 -9.86 -12.05
C LYS A 24 2.08 -8.67 -11.12
N THR A 25 1.26 -8.57 -10.08
CA THR A 25 1.46 -7.58 -9.03
C THR A 25 1.48 -8.23 -7.66
N LEU A 26 2.23 -7.59 -6.75
CA LEU A 26 2.08 -7.80 -5.32
C LEU A 26 1.44 -6.52 -4.80
N ILE A 27 0.13 -6.58 -4.58
CA ILE A 27 -0.58 -5.44 -4.04
C ILE A 27 -0.51 -5.51 -2.52
N LYS A 28 -0.24 -4.38 -1.88
CA LYS A 28 -0.35 -4.30 -0.43
C LYS A 28 -1.41 -3.29 -0.10
N VAL A 29 -2.54 -3.76 0.40
CA VAL A 29 -3.57 -2.85 0.90
C VAL A 29 -3.13 -2.44 2.30
N PHE A 30 -3.06 -1.14 2.54
CA PHE A 30 -2.56 -0.63 3.80
C PHE A 30 -3.26 0.65 4.17
N SER A 31 -3.11 1.06 5.44
CA SER A 31 -3.61 2.36 5.88
C SER A 31 -2.55 3.05 6.72
N TYR A 32 -2.44 4.37 6.58
CA TYR A 32 -1.55 5.14 7.44
C TYR A 32 -1.88 4.91 8.92
N ALA A 33 -3.16 4.60 9.20
CA ALA A 33 -3.65 4.51 10.58
C ALA A 33 -3.59 3.10 11.16
N CYS A 34 -2.89 2.21 10.44
CA CYS A 34 -2.84 0.79 10.75
CA CYS A 34 -2.83 0.80 10.83
C CYS A 34 -1.49 0.41 11.39
N PRO A 35 -1.47 0.01 12.67
CA PRO A 35 -0.19 -0.29 13.34
C PRO A 35 0.58 -1.44 12.71
N PHE A 36 -0.11 -2.50 12.32
CA PHE A 36 0.57 -3.62 11.71
C PHE A 36 1.08 -3.28 10.31
N CYS A 37 0.42 -2.34 9.64
CA CYS A 37 0.93 -1.87 8.35
CA CYS A 37 0.93 -1.88 8.35
C CYS A 37 2.29 -1.23 8.54
N TYR A 38 2.40 -0.38 9.56
CA TYR A 38 3.66 0.26 9.92
C TYR A 38 4.72 -0.81 10.23
N LYS A 39 4.37 -1.76 11.11
CA LYS A 39 5.29 -2.83 11.47
C LYS A 39 5.82 -3.58 10.25
N TYR A 40 4.91 -4.00 9.39
CA TYR A 40 5.31 -4.75 8.20
C TYR A 40 6.08 -3.87 7.21
N ASP A 41 5.69 -2.59 7.09
CA ASP A 41 6.40 -1.69 6.18
C ASP A 41 7.86 -1.48 6.62
N LYS A 42 8.10 -1.45 7.93
CA LYS A 42 9.45 -1.26 8.43
C LYS A 42 10.36 -2.44 8.14
N ALA A 43 9.82 -3.66 8.17
CA ALA A 43 10.64 -4.87 8.26
C ALA A 43 10.45 -5.90 7.15
N VAL A 44 9.23 -6.03 6.64
CA VAL A 44 8.87 -7.17 5.81
C VAL A 44 8.60 -6.81 4.34
N THR A 45 7.85 -5.73 4.13
CA THR A 45 7.40 -5.39 2.77
C THR A 45 8.55 -5.20 1.79
N GLY A 46 9.58 -4.48 2.20
CA GLY A 46 10.72 -4.22 1.34
C GLY A 46 11.48 -5.48 0.92
N PRO A 47 11.94 -6.25 1.89
CA PRO A 47 12.70 -7.45 1.53
C PRO A 47 11.89 -8.46 0.73
N VAL A 48 10.61 -8.65 1.07
CA VAL A 48 9.79 -9.56 0.27
C VAL A 48 9.62 -9.04 -1.15
N SER A 49 9.29 -7.76 -1.30
CA SER A 49 9.16 -7.18 -2.63
C SER A 49 10.44 -7.31 -3.46
N ASP A 50 11.56 -7.11 -2.83
CA ASP A 50 12.82 -7.26 -3.54
C ASP A 50 13.02 -8.66 -4.05
N LYS A 51 12.71 -9.62 -3.21
CA LYS A 51 12.88 -11.04 -3.58
C LYS A 51 11.99 -11.50 -4.73
N VAL A 52 10.87 -10.80 -4.95
CA VAL A 52 9.94 -11.22 -6.00
C VAL A 52 9.85 -10.23 -7.16
N ALA A 53 10.74 -9.24 -7.17
CA ALA A 53 10.66 -8.13 -8.12
C ALA A 53 10.88 -8.57 -9.56
N ASP A 54 11.48 -9.75 -9.73
CA ASP A 54 11.68 -10.32 -11.06
C ASP A 54 10.39 -10.91 -11.63
N LEU A 55 9.39 -11.08 -10.78
CA LEU A 55 8.13 -11.72 -11.17
C LEU A 55 6.92 -10.79 -11.08
N VAL A 56 6.83 -10.02 -9.99
CA VAL A 56 5.68 -9.15 -9.78
C VAL A 56 6.10 -7.74 -9.37
N THR A 57 5.22 -6.78 -9.67
CA THR A 57 5.48 -5.39 -9.36
C THR A 57 4.79 -5.01 -8.06
N PHE A 58 5.55 -4.43 -7.12
CA PHE A 58 4.97 -3.95 -5.87
C PHE A 58 4.01 -2.80 -6.14
N THR A 59 2.78 -2.95 -5.65
CA THR A 59 1.70 -2.04 -5.98
C THR A 59 0.90 -1.66 -4.74
N PRO A 60 1.24 -0.54 -4.10
CA PRO A 60 0.50 -0.13 -2.89
C PRO A 60 -0.94 0.23 -3.23
N PHE A 61 -1.89 -0.19 -2.38
CA PHE A 61 -3.29 0.25 -2.47
C PHE A 61 -3.63 0.87 -1.11
N HIS A 62 -3.85 2.18 -1.05
CA HIS A 62 -4.23 2.77 0.23
C HIS A 62 -5.72 2.63 0.49
N LEU A 63 -6.04 2.36 1.75
CA LEU A 63 -7.41 2.13 2.17
C LEU A 63 -8.00 3.46 2.67
N GLU A 64 -8.89 4.06 1.89
CA GLU A 64 -9.34 5.41 2.23
C GLU A 64 -10.32 5.46 3.39
N THR A 65 -10.91 4.31 3.73
CA THR A 65 -12.00 4.26 4.71
C THR A 65 -11.56 4.35 6.17
N LYS A 66 -10.27 4.09 6.43
CA LYS A 66 -9.76 4.06 7.79
C LYS A 66 -9.15 5.38 8.23
N GLY A 67 -9.38 5.76 9.49
CA GLY A 67 -8.84 7.01 10.01
C GLY A 67 -9.68 8.21 9.61
N GLU A 68 -9.33 9.39 10.11
CA GLU A 68 -10.08 10.60 9.75
C GLU A 68 -9.62 11.16 8.40
N TYR A 69 -8.41 10.80 8.00
CA TYR A 69 -7.79 11.41 6.82
C TYR A 69 -7.43 10.39 5.74
N GLY A 70 -8.18 9.29 5.68
CA GLY A 70 -7.88 8.23 4.73
C GLY A 70 -7.82 8.72 3.30
N LYS A 71 -8.80 9.51 2.87
CA LYS A 71 -8.82 9.95 1.49
C LYS A 71 -7.73 10.97 1.20
N GLN A 72 -7.44 11.86 2.14
CA GLN A 72 -6.36 12.81 1.96
C GLN A 72 -5.03 12.08 1.77
N ALA A 73 -4.80 11.07 2.59
CA ALA A 73 -3.58 10.27 2.48
C ALA A 73 -3.54 9.57 1.12
N SER A 74 -4.67 8.99 0.71
CA SER A 74 -4.73 8.33 -0.59
C SER A 74 -4.37 9.30 -1.72
N GLU A 75 -4.91 10.51 -1.66
CA GLU A 75 -4.67 11.49 -2.70
C GLU A 75 -3.18 11.82 -2.78
N VAL A 76 -2.57 12.07 -1.62
CA VAL A 76 -1.13 12.35 -1.60
C VAL A 76 -0.33 11.15 -2.10
N PHE A 77 -0.64 9.95 -1.60
CA PHE A 77 0.08 8.76 -2.02
C PHE A 77 -0.03 8.54 -3.53
N ALA A 78 -1.24 8.72 -4.07
CA ALA A 78 -1.45 8.52 -5.50
C ALA A 78 -0.60 9.49 -6.32
N VAL A 79 -0.56 10.74 -5.87
CA VAL A 79 0.26 11.75 -6.52
C VAL A 79 1.75 11.39 -6.43
N LEU A 80 2.20 10.97 -5.25
CA LEU A 80 3.62 10.70 -5.04
C LEU A 80 4.09 9.42 -5.71
N ILE A 81 3.26 8.39 -5.73
CA ILE A 81 3.60 7.18 -6.49
C ILE A 81 3.73 7.51 -7.98
N ALA A 82 2.79 8.28 -8.51
CA ALA A 82 2.83 8.66 -9.93
C ALA A 82 4.10 9.42 -10.25
N LYS A 83 4.53 10.27 -9.32
CA LYS A 83 5.73 11.09 -9.53
C LYS A 83 6.99 10.23 -9.46
N ASP A 84 7.08 9.39 -8.44
CA ASP A 84 8.21 8.47 -8.29
C ASP A 84 8.36 7.61 -9.53
N LYS A 85 7.25 7.05 -9.99
CA LYS A 85 7.30 6.12 -11.11
C LYS A 85 7.61 6.81 -12.43
N ALA A 86 7.12 8.04 -12.59
CA ALA A 86 7.49 8.81 -13.77
C ALA A 86 9.00 8.95 -13.80
N ALA A 87 9.59 9.22 -12.63
CA ALA A 87 11.02 9.47 -12.51
C ALA A 87 11.86 8.20 -12.49
N GLY A 88 11.21 7.04 -12.46
CA GLY A 88 11.92 5.77 -12.45
C GLY A 88 12.49 5.41 -11.09
N ILE A 89 11.92 5.99 -10.04
CA ILE A 89 12.38 5.75 -8.68
C ILE A 89 11.58 4.63 -8.01
N SER A 90 12.29 3.64 -7.48
CA SER A 90 11.67 2.55 -6.72
C SER A 90 10.94 3.09 -5.50
N LEU A 91 9.81 2.46 -5.17
CA LEU A 91 9.03 2.90 -4.02
C LEU A 91 9.70 2.56 -2.69
N PHE A 92 10.83 1.85 -2.77
CA PHE A 92 11.61 1.54 -1.58
C PHE A 92 12.90 2.34 -1.52
N ASP A 93 13.17 3.12 -2.55
CA ASP A 93 14.38 3.94 -2.60
C ASP A 93 14.32 5.01 -1.51
N ALA A 94 15.49 5.38 -0.98
CA ALA A 94 15.55 6.40 0.03
C ALA A 94 15.01 7.73 -0.50
N LYS A 95 15.09 7.90 -1.82
CA LYS A 95 14.65 9.13 -2.48
C LYS A 95 13.18 9.12 -2.87
N SER A 96 12.50 8.00 -2.65
CA SER A 96 11.09 7.91 -3.00
C SER A 96 10.29 8.92 -2.19
N GLN A 97 9.53 9.77 -2.88
CA GLN A 97 8.66 10.74 -2.20
C GLN A 97 7.49 10.02 -1.53
N PHE A 98 6.98 8.96 -2.18
CA PHE A 98 5.95 8.14 -1.58
C PHE A 98 6.42 7.57 -0.25
N LYS A 99 7.62 7.00 -0.25
CA LYS A 99 8.16 6.37 0.95
C LYS A 99 8.31 7.39 2.08
N LYS A 100 8.87 8.56 1.74
CA LYS A 100 9.08 9.59 2.75
C LYS A 100 7.77 10.03 3.39
N ALA A 101 6.75 10.29 2.58
CA ALA A 101 5.45 10.70 3.10
C ALA A 101 4.83 9.60 3.97
N LYS A 102 4.88 8.38 3.46
CA LYS A 102 4.31 7.24 4.16
C LYS A 102 4.90 7.07 5.56
N PHE A 103 6.22 7.08 5.67
CA PHE A 103 6.84 6.88 6.97
C PHE A 103 6.69 8.08 7.90
N ALA A 104 6.57 9.28 7.33
CA ALA A 104 6.31 10.46 8.15
C ALA A 104 4.94 10.35 8.83
N TRP A 105 3.95 9.90 8.06
CA TRP A 105 2.62 9.69 8.62
C TRP A 105 2.57 8.54 9.62
N TYR A 106 3.24 7.44 9.31
CA TYR A 106 3.29 6.32 10.25
C TYR A 106 3.87 6.78 11.59
N ALA A 107 4.99 7.49 11.54
CA ALA A 107 5.64 7.95 12.76
C ALA A 107 4.73 8.91 13.52
N ALA A 108 4.18 9.90 12.81
CA ALA A 108 3.33 10.88 13.47
C ALA A 108 2.15 10.19 14.14
N TYR A 109 1.48 9.31 13.42
CA TYR A 109 0.24 8.71 13.91
C TYR A 109 0.48 7.68 15.02
N HIS A 110 1.43 6.79 14.79
CA HIS A 110 1.64 5.64 15.68
C HIS A 110 2.63 5.88 16.79
N ASP A 111 3.67 6.65 16.50
CA ASP A 111 4.69 6.91 17.50
C ASP A 111 4.38 8.15 18.34
N LYS A 112 3.89 9.21 17.70
CA LYS A 112 3.64 10.47 18.41
C LYS A 112 2.15 10.71 18.70
N LYS A 113 1.31 9.76 18.27
CA LYS A 113 -0.14 9.86 18.46
C LYS A 113 -0.75 11.16 17.96
N GLU A 114 -0.16 11.71 16.89
CA GLU A 114 -0.72 12.91 16.28
C GLU A 114 -2.08 12.60 15.66
N ARG A 115 -3.04 13.51 15.85
CA ARG A 115 -4.37 13.32 15.28
C ARG A 115 -4.86 14.53 14.47
N TRP A 116 -4.01 15.56 14.38
CA TRP A 116 -4.33 16.74 13.56
C TRP A 116 -5.75 17.25 13.79
N SER A 117 -6.12 17.44 15.05
CA SER A 117 -7.42 18.01 15.39
C SER A 117 -8.61 17.15 14.94
N ASP A 118 -8.38 15.84 14.89
CA ASP A 118 -9.48 14.87 14.76
C ASP A 118 -10.35 15.06 13.52
N GLY A 119 -9.71 15.35 12.39
CA GLY A 119 -10.42 15.42 11.13
C GLY A 119 -10.63 16.83 10.61
N LYS A 120 -10.50 17.80 11.51
CA LYS A 120 -10.87 19.19 11.18
C LYS A 120 -9.73 20.01 10.59
N ASP A 121 -8.57 19.39 10.43
CA ASP A 121 -7.40 20.11 9.96
C ASP A 121 -6.67 19.31 8.87
N PRO A 122 -7.34 19.13 7.71
CA PRO A 122 -6.70 18.39 6.62
C PRO A 122 -5.44 19.08 6.12
N ALA A 123 -5.37 20.40 6.23
CA ALA A 123 -4.14 21.11 5.85
C ALA A 123 -2.96 20.59 6.67
N ALA A 124 -3.14 20.48 7.98
CA ALA A 124 -2.07 20.04 8.85
C ALA A 124 -1.70 18.60 8.55
N PHE A 125 -2.71 17.78 8.30
CA PHE A 125 -2.43 16.38 7.95
C PHE A 125 -1.60 16.28 6.66
N ILE A 126 -2.04 16.98 5.62
CA ILE A 126 -1.38 16.91 4.34
C ILE A 126 0.05 17.45 4.42
N LYS A 127 0.23 18.50 5.21
CA LYS A 127 1.55 19.09 5.45
C LYS A 127 2.56 18.09 6.00
N THR A 128 2.13 17.22 6.91
CA THR A 128 3.04 16.22 7.46
C THR A 128 3.65 15.36 6.36
N GLY A 129 2.80 14.86 5.46
CA GLY A 129 3.26 14.01 4.38
C GLY A 129 4.03 14.78 3.30
N LEU A 130 3.49 15.92 2.90
CA LEU A 130 4.11 16.68 1.82
C LEU A 130 5.47 17.26 2.22
N ASP A 131 5.57 17.73 3.46
CA ASP A 131 6.83 18.29 3.95
C ASP A 131 7.91 17.21 3.92
N ALA A 132 7.57 16.00 4.34
CA ALA A 132 8.51 14.89 4.32
C ALA A 132 8.93 14.56 2.90
N ALA A 133 7.96 14.60 1.99
CA ALA A 133 8.21 14.29 0.59
C ALA A 133 8.94 15.41 -0.14
N GLY A 134 8.90 16.61 0.43
CA GLY A 134 9.52 17.77 -0.20
C GLY A 134 8.73 18.32 -1.36
N MET A 135 7.41 18.22 -1.28
CA MET A 135 6.52 18.74 -2.32
C MET A 135 5.64 19.84 -1.74
N SER A 136 5.40 20.88 -2.52
CA SER A 136 4.57 21.99 -2.07
C SER A 136 3.08 21.67 -2.15
N GLN A 137 2.29 22.41 -1.37
CA GLN A 137 0.84 22.30 -1.38
C GLN A 137 0.30 22.51 -2.79
N ALA A 138 0.79 23.57 -3.44
CA ALA A 138 0.33 23.93 -4.78
C ALA A 138 0.66 22.85 -5.81
N ASP A 139 1.87 22.29 -5.72
CA ASP A 139 2.27 21.22 -6.62
C ASP A 139 1.39 19.98 -6.43
N PHE A 140 1.00 19.71 -5.19
CA PHE A 140 0.15 18.56 -4.92
C PHE A 140 -1.26 18.75 -5.51
N GLU A 141 -1.86 19.91 -5.26
CA GLU A 141 -3.21 20.18 -5.77
C GLU A 141 -3.26 20.15 -7.30
N ALA A 142 -2.17 20.58 -7.94
CA ALA A 142 -2.07 20.54 -9.40
C ALA A 142 -1.90 19.12 -9.94
N ALA A 143 -1.10 18.31 -9.24
CA ALA A 143 -0.84 16.94 -9.67
C ALA A 143 -2.05 16.04 -9.42
N LEU A 144 -2.86 16.41 -8.44
CA LEU A 144 -4.04 15.63 -8.09
C LEU A 144 -4.98 15.54 -9.28
N LYS A 145 -4.88 16.51 -10.19
CA LYS A 145 -5.77 16.61 -11.34
C LYS A 145 -5.41 15.64 -12.47
N ASP A 146 -4.22 15.07 -12.42
CA ASP A 146 -3.72 14.13 -13.43
CA ASP A 146 -3.79 14.21 -13.49
C ASP A 146 -4.71 12.99 -13.60
N PRO A 147 -5.17 12.72 -14.83
CA PRO A 147 -6.17 11.66 -14.99
C PRO A 147 -5.70 10.30 -14.46
N ALA A 148 -4.40 10.02 -14.56
CA ALA A 148 -3.92 8.73 -14.10
C ALA A 148 -3.97 8.64 -12.58
N VAL A 149 -3.77 9.78 -11.90
CA VAL A 149 -3.86 9.82 -10.45
C VAL A 149 -5.31 9.60 -10.02
N GLN A 150 -6.24 10.24 -10.73
CA GLN A 150 -7.65 10.06 -10.44
C GLN A 150 -8.07 8.60 -10.68
N GLU A 151 -7.52 7.98 -11.70
N GLU A 151 -7.47 8.03 -11.72
CA GLU A 151 -7.83 6.58 -11.94
CA GLU A 151 -7.65 6.63 -12.07
C GLU A 151 -7.24 5.67 -10.86
C GLU A 151 -7.21 5.71 -10.93
N THR A 152 -6.05 6.00 -10.36
CA THR A 152 -5.49 5.26 -9.23
C THR A 152 -6.45 5.31 -8.04
N LEU A 153 -6.99 6.49 -7.76
CA LEU A 153 -7.91 6.64 -6.65
C LEU A 153 -9.17 5.78 -6.86
N GLU A 154 -9.63 5.70 -8.10
N GLU A 154 -9.62 5.71 -8.10
CA GLU A 154 -10.78 4.85 -8.39
CA GLU A 154 -10.76 4.85 -8.42
C GLU A 154 -10.45 3.37 -8.18
C GLU A 154 -10.44 3.38 -8.18
N LYS A 155 -9.28 2.95 -8.66
CA LYS A 155 -8.85 1.56 -8.46
C LYS A 155 -8.79 1.22 -6.97
N TRP A 156 -8.29 2.14 -6.17
CA TRP A 156 -8.09 1.84 -4.76
C TRP A 156 -9.40 1.72 -4.00
N LYS A 157 -10.52 2.08 -4.63
CA LYS A 157 -11.81 1.85 -3.97
C LYS A 157 -12.02 0.35 -3.68
N ALA A 158 -11.35 -0.49 -4.46
CA ALA A 158 -11.43 -1.93 -4.30
C ALA A 158 -10.81 -2.41 -2.97
N ALA A 159 -10.08 -1.53 -2.30
CA ALA A 159 -9.35 -1.92 -1.10
C ALA A 159 -10.26 -2.34 0.05
N TYR A 160 -11.41 -1.69 0.15
CA TYR A 160 -12.29 -1.94 1.28
C TYR A 160 -12.76 -3.39 1.40
N ASP A 161 -13.29 -3.94 0.32
CA ASP A 161 -13.77 -5.32 0.36
C ASP A 161 -12.65 -6.34 0.63
N VAL A 162 -11.43 -6.01 0.23
CA VAL A 162 -10.28 -6.87 0.54
C VAL A 162 -9.90 -6.74 2.01
N ALA A 163 -9.81 -5.49 2.50
CA ALA A 163 -9.46 -5.23 3.90
C ALA A 163 -10.42 -5.89 4.91
N LYS A 164 -11.70 -6.00 4.53
CA LYS A 164 -12.73 -6.60 5.39
C LYS A 164 -12.43 -8.03 5.80
N ILE A 165 -11.70 -8.74 4.95
CA ILE A 165 -11.59 -10.19 5.11
C ILE A 165 -10.75 -10.58 6.30
N GLN A 166 -9.54 -10.05 6.38
CA GLN A 166 -8.63 -10.37 7.47
C GLN A 166 -7.81 -9.14 7.90
N GLY A 167 -8.40 -7.97 7.69
CA GLY A 167 -7.79 -6.72 8.11
C GLY A 167 -6.71 -6.23 7.18
N VAL A 168 -6.03 -5.16 7.61
CA VAL A 168 -4.84 -4.69 6.92
C VAL A 168 -3.65 -4.91 7.85
N PRO A 169 -2.44 -5.12 7.29
CA PRO A 169 -2.19 -5.13 5.86
C PRO A 169 -2.78 -6.36 5.17
N ALA A 170 -3.05 -6.20 3.88
CA ALA A 170 -3.59 -7.27 3.07
C ALA A 170 -2.75 -7.37 1.80
N TYR A 171 -1.97 -8.42 1.69
CA TYR A 171 -1.10 -8.64 0.54
C TYR A 171 -1.83 -9.55 -0.46
N VAL A 172 -1.96 -9.07 -1.70
CA VAL A 172 -2.69 -9.79 -2.73
C VAL A 172 -1.78 -10.04 -3.90
N VAL A 173 -1.82 -11.26 -4.45
CA VAL A 173 -0.98 -11.57 -5.60
C VAL A 173 -1.84 -11.74 -6.85
N ASN A 174 -1.45 -11.06 -7.93
CA ASN A 174 -2.15 -11.10 -9.23
C ASN A 174 -3.61 -10.67 -9.13
N GLY A 175 -3.93 -9.90 -8.09
CA GLY A 175 -5.28 -9.43 -7.85
C GLY A 175 -6.23 -10.53 -7.38
N LYS A 176 -5.71 -11.75 -7.23
CA LYS A 176 -6.57 -12.93 -7.05
C LYS A 176 -6.39 -13.68 -5.73
N TYR A 177 -5.16 -13.68 -5.20
CA TYR A 177 -4.85 -14.51 -4.03
C TYR A 177 -4.49 -13.62 -2.86
N LEU A 178 -5.29 -13.70 -1.80
CA LEU A 178 -5.05 -12.94 -0.59
C LEU A 178 -4.27 -13.79 0.40
N ILE A 179 -3.14 -13.27 0.85
CA ILE A 179 -2.33 -13.93 1.86
C ILE A 179 -2.89 -13.65 3.25
N TYR A 180 -2.85 -14.66 4.12
CA TYR A 180 -3.25 -14.45 5.52
C TYR A 180 -2.08 -13.90 6.32
N THR A 181 -2.17 -12.62 6.68
CA THR A 181 -1.09 -11.98 7.40
C THR A 181 -0.68 -12.75 8.65
N LYS A 182 -1.66 -13.21 9.43
CA LYS A 182 -1.38 -13.88 10.70
C LYS A 182 -0.64 -15.20 10.55
N ASN A 183 -0.61 -15.74 9.34
CA ASN A 183 0.05 -17.02 9.10
C ASN A 183 1.36 -16.88 8.34
N ILE A 184 1.75 -15.65 8.03
CA ILE A 184 3.05 -15.43 7.41
C ILE A 184 4.13 -15.89 8.39
N LYS A 185 5.02 -16.75 7.92
N LYS A 185 5.02 -16.74 7.90
CA LYS A 185 6.03 -17.33 8.79
CA LYS A 185 6.04 -17.40 8.73
C LYS A 185 7.30 -16.49 8.83
C LYS A 185 7.34 -16.61 8.80
N SER A 186 7.74 -16.03 7.66
CA SER A 186 9.01 -15.30 7.58
C SER A 186 9.08 -14.59 6.26
N ILE A 187 10.11 -13.76 6.10
CA ILE A 187 10.35 -13.10 4.82
C ILE A 187 10.66 -14.14 3.72
N ASP A 188 11.53 -15.10 4.01
CA ASP A 188 11.89 -16.10 3.00
C ASP A 188 10.69 -16.95 2.61
N SER A 189 9.87 -17.28 3.60
CA SER A 189 8.65 -18.06 3.36
C SER A 189 7.65 -17.27 2.51
N MET A 190 7.38 -16.04 2.94
CA MET A 190 6.40 -15.21 2.24
C MET A 190 6.82 -14.95 0.81
N ALA A 191 8.11 -14.72 0.58
CA ALA A 191 8.58 -14.50 -0.78
C ALA A 191 8.29 -15.70 -1.68
N GLU A 192 8.52 -16.90 -1.16
CA GLU A 192 8.22 -18.10 -1.93
C GLU A 192 6.71 -18.30 -2.13
N LEU A 193 5.94 -17.92 -1.12
CA LEU A 193 4.48 -17.95 -1.22
C LEU A 193 4.01 -17.04 -2.36
N VAL A 194 4.52 -15.82 -2.38
CA VAL A 194 4.21 -14.89 -3.47
C VAL A 194 4.61 -15.47 -4.83
N ARG A 195 5.80 -16.06 -4.93
CA ARG A 195 6.26 -16.61 -6.21
C ARG A 195 5.37 -17.77 -6.67
N GLU A 196 4.97 -18.60 -5.72
CA GLU A 196 4.06 -19.71 -6.02
C GLU A 196 2.71 -19.21 -6.53
N LEU A 197 2.17 -18.19 -5.86
CA LEU A 197 0.87 -17.66 -6.25
C LEU A 197 0.95 -16.95 -7.59
N ALA A 198 2.09 -16.31 -7.85
CA ALA A 198 2.24 -15.47 -9.03
C ALA A 198 2.28 -16.28 -10.31
N THR A 199 2.68 -17.55 -10.18
CA THR A 199 2.87 -18.42 -11.33
C THR A 199 1.76 -19.47 -11.47
N LYS A 200 0.68 -19.28 -10.72
CA LYS A 200 -0.51 -20.12 -10.91
C LYS A 200 -1.21 -19.73 -12.22
N LYS A 201 -1.63 -20.73 -12.97
CA LYS A 201 -2.34 -20.50 -14.24
C LYS A 201 -3.58 -19.65 -14.01
#